data_8DKT
#
_entry.id   8DKT
#
_cell.length_a   73.577
_cell.length_b   149.423
_cell.length_c   155.340
_cell.angle_alpha   90.000
_cell.angle_beta   90.000
_cell.angle_gamma   90.000
#
_symmetry.space_group_name_H-M   'C 2 2 21'
#
loop_
_entity.id
_entity.type
_entity.pdbx_description
1 polymer Septin-1
2 polymer Septin-2
3 non-polymer "GUANOSINE-5'-DIPHOSPHATE"
4 non-polymer "GUANOSINE-5'-TRIPHOSPHATE"
5 non-polymer 'MAGNESIUM ION'
6 water water
#
loop_
_entity_poly.entity_id
_entity_poly.type
_entity_poly.pdbx_seq_one_letter_code
_entity_poly.pdbx_strand_id
1 'polypeptide(L)'
;MGFEFTLMVVGESGLGKSTLVNSLFLTDLYPERIIPDAIEKQKQTVKLEASTVEIEERGVKLRLTVVDTPGFGDAIDNSN
SFGAILEYIDEQYERFLRDESGLNRRNIVDNRIHCCFYFISPFGHGLKPLDVEFMKKLHSKVNIVPVIAKADCLTKKEIL
RLKCRIMQEIESHGIKIYPLPDCDSDEDEDYKEQVKQLKEAVPFAVCGANTLLEVKGKKVRGRLYPWGVVEVENPDHCDF
IKLRTMLITHMQDLQEVTQEVHYENYRSDRLAKGI
;
A
2 'polypeptide(L)'
;MGSSHHHHHHSQDPGFVFNVMCIGETGLGKSTLMDTLFNTSFESTPSPHTLPSVKLKAHTYELQESNVRLKLTICDTVGY
GDQINKDDSFKAVVDYIDAQFENYLQEELKIKRSLVTCHDSRIHICLYFICPTGHGLKSLDLVCMKKLDSKVNIIPVIAK
ADTISKVELQRFKAKIIQELNANGVHIYQFPTDDETVAETNTSMNSHIPFAVVGSTEFIKVGNKLIRARQYPWGTVQVEN
ETHCDFVKLREMLIRTNMEDMREKTHTRHYELYRQKRLEQMG
;
B
#
loop_
_chem_comp.id
_chem_comp.type
_chem_comp.name
_chem_comp.formula
GDP RNA linking GUANOSINE-5'-DIPHOSPHATE 'C10 H15 N5 O11 P2'
GTP non-polymer GUANOSINE-5'-TRIPHOSPHATE 'C10 H16 N5 O14 P3'
MG non-polymer 'MAGNESIUM ION' 'Mg 2'
#
# COMPACT_ATOMS: atom_id res chain seq x y z
N PHE A 3 -19.27 -6.39 29.86
CA PHE A 3 -18.70 -6.97 28.66
C PHE A 3 -17.24 -7.40 28.86
N GLU A 4 -16.77 -8.25 27.96
CA GLU A 4 -15.36 -8.65 27.87
C GLU A 4 -15.13 -9.04 26.42
N PHE A 5 -14.88 -8.04 25.59
CA PHE A 5 -14.81 -8.20 24.14
C PHE A 5 -13.36 -8.18 23.67
N THR A 6 -13.04 -9.05 22.71
CA THR A 6 -11.68 -9.20 22.18
C THR A 6 -11.72 -8.97 20.68
N LEU A 7 -10.96 -7.99 20.20
CA LEU A 7 -10.91 -7.64 18.79
C LEU A 7 -9.51 -7.89 18.24
N MET A 8 -9.44 -8.47 17.05
CA MET A 8 -8.18 -8.74 16.37
C MET A 8 -8.05 -7.84 15.15
N VAL A 9 -6.86 -7.28 14.97
CA VAL A 9 -6.56 -6.39 13.85
C VAL A 9 -5.48 -7.04 13.00
N VAL A 10 -5.76 -7.21 11.71
CA VAL A 10 -4.82 -7.81 10.78
C VAL A 10 -4.73 -6.93 9.54
N GLY A 11 -3.51 -6.74 9.04
CA GLY A 11 -3.30 -5.97 7.84
C GLY A 11 -1.84 -5.60 7.70
N GLU A 12 -1.51 -5.13 6.49
CA GLU A 12 -0.15 -4.65 6.26
C GLU A 12 0.12 -3.43 7.14
N SER A 13 1.40 -3.15 7.33
CA SER A 13 1.79 -1.95 8.06
C SER A 13 1.55 -0.71 7.20
N GLY A 14 1.19 0.39 7.86
CA GLY A 14 0.96 1.62 7.16
C GLY A 14 -0.41 1.78 6.55
N LEU A 15 -1.42 1.13 7.12
CA LEU A 15 -2.80 1.27 6.68
C LEU A 15 -3.66 2.04 7.66
N GLY A 16 -3.04 2.66 8.67
CA GLY A 16 -3.80 3.41 9.65
C GLY A 16 -4.54 2.58 10.67
N LYS A 17 -4.16 1.31 10.83
CA LYS A 17 -4.86 0.44 11.77
C LYS A 17 -4.74 0.95 13.20
N SER A 18 -3.51 1.23 13.63
CA SER A 18 -3.32 1.79 14.97
C SER A 18 -4.06 3.11 15.13
N THR A 19 -4.07 3.93 14.07
CA THR A 19 -4.81 5.19 14.13
C THR A 19 -6.31 4.95 14.20
N LEU A 20 -6.80 3.88 13.58
CA LEU A 20 -8.24 3.61 13.56
C LEU A 20 -8.72 3.10 14.91
N VAL A 21 -8.08 2.04 15.42
CA VAL A 21 -8.49 1.45 16.68
C VAL A 21 -8.41 2.46 17.81
N ASN A 22 -7.44 3.39 17.74
CA ASN A 22 -7.40 4.47 18.72
C ASN A 22 -8.55 5.44 18.52
N SER A 23 -8.88 5.77 17.27
CA SER A 23 -9.92 6.76 17.00
C SER A 23 -11.31 6.28 17.39
N LEU A 24 -11.49 4.98 17.55
CA LEU A 24 -12.80 4.44 17.93
C LEU A 24 -13.23 4.97 19.28
N PHE A 25 -12.60 4.48 20.35
CA PHE A 25 -12.95 4.87 21.71
C PHE A 25 -12.04 5.95 22.26
N LEU A 26 -11.28 6.62 21.40
CA LEU A 26 -10.36 7.70 21.78
C LEU A 26 -9.40 7.22 22.88
N THR A 27 -8.54 6.29 22.48
CA THR A 27 -7.59 5.67 23.39
C THR A 27 -6.15 5.84 22.90
N ASP A 28 -5.20 5.13 23.52
CA ASP A 28 -3.78 5.19 23.16
C ASP A 28 -3.18 3.86 23.63
N LEU A 29 -3.49 2.79 22.90
CA LEU A 29 -3.03 1.45 23.26
C LEU A 29 -1.59 1.18 22.86
N TYR A 30 -0.95 2.05 22.05
CA TYR A 30 0.36 1.77 21.49
C TYR A 30 1.34 2.89 21.85
N PRO A 31 1.81 2.93 23.09
CA PRO A 31 2.89 3.85 23.46
C PRO A 31 4.26 3.20 23.26
N GLU A 32 5.23 4.06 22.90
CA GLU A 32 6.59 3.61 22.59
C GLU A 32 6.59 2.56 21.49
N ARG A 33 5.77 2.79 20.46
CA ARG A 33 5.62 1.83 19.36
C ARG A 33 6.93 1.71 18.61
N ILE A 34 7.54 0.53 18.68
CA ILE A 34 8.80 0.28 18.00
C ILE A 34 8.51 -0.04 16.53
N ILE A 35 8.81 0.91 15.65
CA ILE A 35 8.63 0.73 14.22
C ILE A 35 9.97 0.29 13.64
N PRO A 36 10.11 -0.95 13.20
CA PRO A 36 11.40 -1.41 12.68
C PRO A 36 11.69 -0.83 11.31
N ASP A 37 12.96 -0.89 10.92
CA ASP A 37 13.37 -0.44 9.61
C ASP A 37 13.29 -1.59 8.61
N ALA A 38 13.55 -1.28 7.34
CA ALA A 38 13.42 -2.29 6.29
C ALA A 38 14.50 -3.36 6.37
N ILE A 39 15.61 -3.09 7.07
CA ILE A 39 16.65 -4.11 7.21
C ILE A 39 16.17 -5.26 8.07
N GLU A 40 15.34 -4.98 9.07
CA GLU A 40 14.83 -6.02 9.96
C GLU A 40 13.34 -6.22 9.75
N LYS A 41 12.92 -6.48 8.50
CA LYS A 41 11.52 -6.72 8.19
C LYS A 41 11.37 -7.67 7.01
N GLN A 42 12.49 -8.02 6.38
CA GLN A 42 12.45 -8.95 5.24
C GLN A 42 11.97 -10.33 5.66
N LYS A 43 12.32 -10.76 6.87
CA LYS A 43 11.89 -12.05 7.40
C LYS A 43 11.25 -11.90 8.78
N GLN A 44 10.70 -10.73 9.08
CA GLN A 44 10.05 -10.50 10.35
C GLN A 44 8.81 -11.37 10.49
N THR A 45 8.87 -12.34 11.40
CA THR A 45 7.73 -13.22 11.64
C THR A 45 6.58 -12.44 12.25
N VAL A 46 5.40 -13.04 12.21
CA VAL A 46 4.19 -12.41 12.71
C VAL A 46 4.05 -12.74 14.19
N LYS A 47 4.20 -11.72 15.03
CA LYS A 47 4.00 -11.84 16.47
C LYS A 47 2.61 -11.36 16.84
N LEU A 48 2.18 -11.73 18.04
CA LEU A 48 0.85 -11.39 18.54
C LEU A 48 1.00 -10.67 19.87
N GLU A 49 0.56 -9.42 19.91
CA GLU A 49 0.69 -8.58 21.09
C GLU A 49 -0.68 -8.04 21.45
N ALA A 50 -1.14 -8.35 22.67
CA ALA A 50 -2.45 -7.95 23.12
C ALA A 50 -2.34 -6.78 24.10
N SER A 51 -3.41 -6.00 24.18
CA SER A 51 -3.47 -4.86 25.08
C SER A 51 -4.93 -4.61 25.44
N THR A 52 -5.29 -4.90 26.68
CA THR A 52 -6.67 -4.71 27.14
C THR A 52 -6.85 -3.30 27.69
N VAL A 53 -8.02 -2.72 27.44
CA VAL A 53 -8.31 -1.34 27.80
C VAL A 53 -9.77 -1.23 28.24
N GLU A 54 -10.00 -0.48 29.32
CA GLU A 54 -11.34 -0.23 29.82
C GLU A 54 -11.91 1.02 29.18
N ILE A 55 -13.21 1.00 28.88
CA ILE A 55 -13.86 2.11 28.19
C ILE A 55 -15.36 2.08 28.42
N GLU A 56 -15.93 3.22 28.79
CA GLU A 56 -17.37 3.36 28.98
C GLU A 56 -17.96 4.16 27.81
N GLU A 57 -18.95 3.57 27.14
CA GLU A 57 -19.56 4.14 25.94
C GLU A 57 -21.06 4.29 26.17
N ARG A 58 -21.47 5.46 26.65
CA ARG A 58 -22.88 5.78 26.90
C ARG A 58 -23.53 4.76 27.82
N GLY A 59 -22.88 4.49 28.94
CA GLY A 59 -23.35 3.51 29.90
C GLY A 59 -22.91 2.09 29.62
N VAL A 60 -22.23 1.85 28.50
CA VAL A 60 -21.77 0.51 28.13
C VAL A 60 -20.30 0.42 28.54
N LYS A 61 -20.07 -0.05 29.77
CA LYS A 61 -18.71 -0.27 30.24
C LYS A 61 -18.24 -1.65 29.78
N LEU A 62 -17.11 -1.70 29.09
CA LEU A 62 -16.60 -2.93 28.51
C LEU A 62 -15.09 -2.98 28.67
N ARG A 63 -14.57 -4.21 28.67
CA ARG A 63 -13.13 -4.47 28.77
C ARG A 63 -12.66 -4.88 27.38
N LEU A 64 -12.16 -3.91 26.62
CA LEU A 64 -11.73 -4.14 25.25
C LEU A 64 -10.30 -4.64 25.23
N THR A 65 -10.12 -5.87 24.75
CA THR A 65 -8.79 -6.46 24.57
C THR A 65 -8.51 -6.54 23.08
N VAL A 66 -7.58 -5.72 22.61
CA VAL A 66 -7.22 -5.66 21.21
C VAL A 66 -5.97 -6.50 20.98
N VAL A 67 -6.02 -7.41 20.02
CA VAL A 67 -4.92 -8.32 19.72
C VAL A 67 -4.39 -7.95 18.34
N ASP A 68 -3.33 -7.17 18.30
CA ASP A 68 -2.72 -6.80 17.02
C ASP A 68 -1.74 -7.89 16.57
N THR A 69 -1.50 -7.91 15.25
CA THR A 69 -0.61 -8.88 14.62
C THR A 69 0.49 -8.13 13.88
N PRO A 70 1.45 -7.55 14.61
CA PRO A 70 2.50 -6.76 13.95
C PRO A 70 3.38 -7.65 13.08
N GLY A 71 3.67 -7.17 11.87
CA GLY A 71 4.50 -7.89 10.93
C GLY A 71 3.76 -8.68 9.88
N PHE A 72 2.44 -8.54 9.79
CA PHE A 72 1.66 -9.27 8.81
C PHE A 72 1.85 -8.66 7.43
N GLY A 73 2.28 -9.48 6.47
CA GLY A 73 2.37 -9.03 5.09
C GLY A 73 3.40 -7.96 4.85
N ASP A 74 4.39 -7.83 5.73
CA ASP A 74 5.46 -6.85 5.57
C ASP A 74 6.78 -7.49 5.16
N ALA A 75 6.82 -8.82 5.04
CA ALA A 75 8.04 -9.52 4.67
C ALA A 75 8.09 -9.74 3.16
N ILE A 76 9.27 -10.10 2.67
CA ILE A 76 9.43 -10.43 1.26
C ILE A 76 8.57 -11.64 0.90
N ASP A 77 8.79 -12.75 1.58
CA ASP A 77 8.00 -13.97 1.40
C ASP A 77 6.97 -14.03 2.51
N ASN A 78 5.72 -13.71 2.17
CA ASN A 78 4.62 -13.73 3.13
C ASN A 78 4.00 -15.12 3.28
N SER A 79 4.73 -16.17 2.93
CA SER A 79 4.24 -17.52 3.17
C SER A 79 4.17 -17.80 4.66
N ASN A 80 3.09 -18.47 5.07
CA ASN A 80 2.88 -18.84 6.47
C ASN A 80 2.86 -17.62 7.38
N SER A 81 2.49 -16.46 6.83
CA SER A 81 2.32 -15.27 7.67
C SER A 81 1.15 -15.44 8.62
N PHE A 82 0.10 -16.12 8.18
CA PHE A 82 -1.08 -16.38 8.98
C PHE A 82 -1.00 -17.69 9.74
N GLY A 83 0.21 -18.23 9.93
CA GLY A 83 0.35 -19.45 10.69
C GLY A 83 0.18 -19.24 12.18
N ALA A 84 0.73 -18.15 12.71
CA ALA A 84 0.61 -17.89 14.14
C ALA A 84 -0.77 -17.36 14.50
N ILE A 85 -1.42 -16.65 13.57
CA ILE A 85 -2.78 -16.17 13.84
C ILE A 85 -3.73 -17.34 14.01
N LEU A 86 -3.57 -18.38 13.18
CA LEU A 86 -4.38 -19.58 13.31
C LEU A 86 -4.14 -20.28 14.65
N GLU A 87 -2.87 -20.44 15.02
CA GLU A 87 -2.56 -21.16 16.25
C GLU A 87 -3.10 -20.45 17.49
N TYR A 88 -3.06 -19.11 17.47
CA TYR A 88 -3.57 -18.34 18.61
C TYR A 88 -5.07 -18.53 18.77
N ILE A 89 -5.81 -18.44 17.67
CA ILE A 89 -7.26 -18.57 17.75
C ILE A 89 -7.65 -19.95 18.24
N ASP A 90 -7.03 -21.00 17.68
CA ASP A 90 -7.28 -22.35 18.16
C ASP A 90 -6.80 -22.54 19.59
N GLU A 91 -5.76 -21.83 20.00
CA GLU A 91 -5.32 -21.89 21.40
C GLU A 91 -6.40 -21.37 22.33
N GLN A 92 -7.03 -20.25 21.97
CA GLN A 92 -8.07 -19.69 22.81
C GLN A 92 -9.29 -20.59 22.87
N TYR A 93 -9.62 -21.25 21.75
CA TYR A 93 -10.69 -22.23 21.76
C TYR A 93 -10.32 -23.43 22.62
N GLU A 94 -9.04 -23.82 22.61
CA GLU A 94 -8.60 -24.94 23.42
C GLU A 94 -8.57 -24.57 24.90
N ARG A 95 -8.11 -23.35 25.22
CA ARG A 95 -8.14 -22.91 26.61
C ARG A 95 -9.56 -22.91 27.16
N PHE A 96 -10.53 -22.49 26.34
CA PHE A 96 -11.91 -22.49 26.79
C PHE A 96 -12.46 -23.91 26.89
N LEU A 97 -12.04 -24.79 25.98
CA LEU A 97 -12.51 -26.18 26.03
C LEU A 97 -11.95 -26.91 27.24
N ARG A 98 -10.72 -26.59 27.64
CA ARG A 98 -10.16 -27.21 28.85
C ARG A 98 -10.86 -26.69 30.10
N ASP A 99 -11.10 -25.38 30.18
CA ASP A 99 -11.70 -24.81 31.37
C ASP A 99 -13.18 -25.17 31.49
N GLU A 100 -13.89 -25.25 30.36
CA GLU A 100 -15.30 -25.62 30.40
C GLU A 100 -15.48 -27.10 30.75
N SER A 101 -14.55 -27.95 30.30
CA SER A 101 -14.64 -29.38 30.58
C SER A 101 -14.12 -29.74 31.97
N GLY A 102 -13.35 -28.86 32.61
CA GLY A 102 -12.84 -29.14 33.93
C GLY A 102 -13.90 -29.03 35.00
N LEU A 103 -13.55 -29.55 36.19
CA LEU A 103 -14.46 -29.55 37.32
C LEU A 103 -14.41 -28.28 38.14
N ASN A 104 -13.74 -27.23 37.63
CA ASN A 104 -13.65 -25.95 38.34
C ASN A 104 -13.72 -24.84 37.29
N ARG A 105 -14.94 -24.53 36.85
CA ARG A 105 -15.18 -23.51 35.84
C ARG A 105 -15.91 -22.30 36.42
N ARG A 106 -15.63 -21.97 37.68
CA ARG A 106 -16.32 -20.85 38.32
C ARG A 106 -15.92 -19.53 37.67
N ASN A 107 -14.62 -19.30 37.49
CA ASN A 107 -14.12 -18.10 36.85
C ASN A 107 -13.21 -18.52 35.71
N ILE A 108 -13.61 -18.20 34.49
CA ILE A 108 -12.87 -18.55 33.29
C ILE A 108 -12.51 -17.27 32.55
N VAL A 109 -11.26 -17.16 32.13
CA VAL A 109 -10.83 -16.06 31.28
C VAL A 109 -11.22 -16.40 29.84
N ASP A 110 -12.08 -15.59 29.24
CA ASP A 110 -12.56 -15.80 27.88
C ASP A 110 -11.71 -14.94 26.95
N ASN A 111 -10.63 -15.53 26.44
CA ASN A 111 -9.72 -14.84 25.54
C ASN A 111 -9.97 -15.19 24.08
N ARG A 112 -11.12 -15.78 23.76
CA ARG A 112 -11.42 -16.12 22.37
C ARG A 112 -11.67 -14.86 21.55
N ILE A 113 -11.22 -14.88 20.30
CA ILE A 113 -11.33 -13.72 19.42
C ILE A 113 -12.77 -13.64 18.91
N HIS A 114 -13.49 -12.59 19.32
CA HIS A 114 -14.89 -12.46 18.93
C HIS A 114 -15.05 -11.84 17.54
N CYS A 115 -14.12 -10.98 17.14
CA CYS A 115 -14.21 -10.32 15.85
C CYS A 115 -12.80 -9.99 15.38
N CYS A 116 -12.63 -9.91 14.06
CA CYS A 116 -11.31 -9.70 13.48
C CYS A 116 -11.41 -8.76 12.30
N PHE A 117 -10.92 -7.54 12.47
CA PHE A 117 -10.85 -6.58 11.37
C PHE A 117 -9.71 -6.93 10.44
N TYR A 118 -10.00 -7.07 9.16
CA TYR A 118 -8.97 -7.22 8.14
C TYR A 118 -8.97 -6.00 7.24
N PHE A 119 -7.80 -5.41 7.06
CA PHE A 119 -7.66 -4.15 6.35
C PHE A 119 -7.16 -4.39 4.92
N ILE A 120 -7.75 -3.66 3.99
CA ILE A 120 -7.44 -3.79 2.57
C ILE A 120 -6.82 -2.47 2.10
N SER A 121 -5.68 -2.55 1.45
CA SER A 121 -5.01 -1.35 0.98
C SER A 121 -5.83 -0.70 -0.12
N PRO A 122 -6.17 0.58 0.01
CA PRO A 122 -6.92 1.28 -1.04
C PRO A 122 -6.09 1.65 -2.26
N PHE A 123 -4.78 1.39 -2.21
CA PHE A 123 -3.89 1.83 -3.28
C PHE A 123 -4.00 0.95 -4.51
N GLY A 124 -4.22 -0.35 -4.33
CA GLY A 124 -4.33 -1.27 -5.43
C GLY A 124 -5.67 -1.18 -6.14
N HIS A 125 -5.97 -2.23 -6.90
CA HIS A 125 -7.21 -2.32 -7.65
C HIS A 125 -8.28 -3.15 -6.94
N GLY A 126 -7.88 -4.14 -6.15
CA GLY A 126 -8.82 -4.98 -5.43
C GLY A 126 -8.13 -5.88 -4.43
N LEU A 127 -8.70 -7.05 -4.17
CA LEU A 127 -8.11 -7.97 -3.21
C LEU A 127 -6.83 -8.57 -3.77
N LYS A 128 -5.79 -8.62 -2.94
CA LYS A 128 -4.52 -9.25 -3.29
C LYS A 128 -4.52 -10.72 -2.89
N PRO A 129 -3.64 -11.53 -3.48
CA PRO A 129 -3.58 -12.94 -3.06
C PRO A 129 -3.35 -13.12 -1.57
N LEU A 130 -2.63 -12.21 -0.92
CA LEU A 130 -2.49 -12.29 0.53
C LEU A 130 -3.83 -12.09 1.23
N ASP A 131 -4.67 -11.19 0.70
CA ASP A 131 -5.99 -10.98 1.30
C ASP A 131 -6.87 -12.22 1.14
N VAL A 132 -6.86 -12.83 -0.05
CA VAL A 132 -7.74 -13.96 -0.31
C VAL A 132 -7.28 -15.17 0.49
N GLU A 133 -5.99 -15.50 0.44
CA GLU A 133 -5.51 -16.68 1.14
C GLU A 133 -5.60 -16.51 2.66
N PHE A 134 -5.70 -15.28 3.15
CA PHE A 134 -5.90 -15.08 4.59
C PHE A 134 -7.36 -15.31 4.96
N MET A 135 -8.28 -14.59 4.32
CA MET A 135 -9.69 -14.69 4.70
C MET A 135 -10.23 -16.09 4.49
N LYS A 136 -9.91 -16.70 3.35
CA LYS A 136 -10.37 -18.07 3.10
C LYS A 136 -9.81 -19.05 4.13
N LYS A 137 -8.65 -18.77 4.69
CA LYS A 137 -8.04 -19.67 5.66
C LYS A 137 -8.46 -19.36 7.10
N LEU A 138 -9.36 -18.39 7.30
CA LEU A 138 -9.77 -18.00 8.64
C LEU A 138 -11.24 -17.65 8.77
N HIS A 139 -12.01 -17.66 7.68
CA HIS A 139 -13.40 -17.25 7.74
C HIS A 139 -14.26 -18.24 8.52
N SER A 140 -13.80 -19.48 8.69
CA SER A 140 -14.55 -20.49 9.43
C SER A 140 -14.13 -20.57 10.89
N LYS A 141 -13.16 -19.76 11.31
CA LYS A 141 -12.69 -19.76 12.69
C LYS A 141 -12.93 -18.46 13.43
N VAL A 142 -13.11 -17.35 12.72
CA VAL A 142 -13.34 -16.05 13.33
C VAL A 142 -14.18 -15.20 12.39
N ASN A 143 -14.92 -14.25 12.96
CA ASN A 143 -15.77 -13.36 12.18
C ASN A 143 -14.90 -12.33 11.47
N ILE A 144 -14.70 -12.53 10.18
CA ILE A 144 -13.91 -11.60 9.36
C ILE A 144 -14.77 -10.39 9.03
N VAL A 145 -14.21 -9.20 9.22
CA VAL A 145 -14.85 -7.94 8.85
C VAL A 145 -13.92 -7.17 7.92
N PRO A 146 -14.17 -7.20 6.62
CA PRO A 146 -13.31 -6.47 5.69
C PRO A 146 -13.45 -4.97 5.87
N VAL A 147 -12.33 -4.27 5.83
CA VAL A 147 -12.28 -2.83 6.04
C VAL A 147 -11.31 -2.23 5.03
N ILE A 148 -11.80 -1.30 4.20
CA ILE A 148 -10.94 -0.57 3.28
C ILE A 148 -10.24 0.52 4.07
N ALA A 149 -8.94 0.35 4.31
CA ALA A 149 -8.18 1.34 5.07
C ALA A 149 -7.95 2.60 4.25
N LYS A 150 -7.69 3.69 4.95
CA LYS A 150 -7.31 4.98 4.35
C LYS A 150 -8.26 5.37 3.21
N ALA A 151 -9.53 5.57 3.57
CA ALA A 151 -10.56 5.86 2.57
C ALA A 151 -10.36 7.21 1.90
N ASP A 152 -9.61 8.12 2.51
CA ASP A 152 -9.50 9.49 2.01
C ASP A 152 -8.58 9.62 0.79
N CYS A 153 -8.05 8.52 0.28
CA CYS A 153 -7.28 8.54 -0.96
C CYS A 153 -8.09 8.10 -2.17
N LEU A 154 -9.39 7.84 -1.97
CA LEU A 154 -10.28 7.40 -3.03
C LEU A 154 -11.41 8.40 -3.18
N THR A 155 -11.68 8.81 -4.41
CA THR A 155 -12.78 9.74 -4.67
C THR A 155 -14.12 9.00 -4.54
N LYS A 156 -15.20 9.71 -4.85
CA LYS A 156 -16.52 9.09 -4.78
C LYS A 156 -16.62 7.92 -5.74
N LYS A 157 -16.22 8.12 -7.00
CA LYS A 157 -16.26 7.05 -7.97
C LYS A 157 -15.30 5.92 -7.62
N GLU A 158 -14.16 6.24 -7.02
CA GLU A 158 -13.19 5.22 -6.68
C GLU A 158 -13.65 4.37 -5.51
N ILE A 159 -14.37 4.98 -4.55
CA ILE A 159 -14.87 4.22 -3.42
C ILE A 159 -15.89 3.18 -3.88
N LEU A 160 -16.89 3.62 -4.66
CA LEU A 160 -17.91 2.69 -5.13
C LEU A 160 -17.31 1.62 -6.05
N ARG A 161 -16.28 1.98 -6.81
CA ARG A 161 -15.64 1.00 -7.69
C ARG A 161 -14.93 -0.08 -6.88
N LEU A 162 -14.14 0.31 -5.90
CA LEU A 162 -13.40 -0.66 -5.10
C LEU A 162 -14.34 -1.46 -4.20
N LYS A 163 -15.38 -0.81 -3.68
CA LYS A 163 -16.34 -1.53 -2.83
C LYS A 163 -17.02 -2.65 -3.60
N CYS A 164 -17.46 -2.37 -4.83
CA CYS A 164 -18.19 -3.38 -5.58
C CYS A 164 -17.27 -4.48 -6.08
N ARG A 165 -16.02 -4.16 -6.39
CA ARG A 165 -15.11 -5.17 -6.92
C ARG A 165 -14.70 -6.17 -5.86
N ILE A 166 -14.20 -5.69 -4.72
CA ILE A 166 -13.79 -6.60 -3.65
C ILE A 166 -14.97 -7.32 -3.04
N MET A 167 -16.20 -6.89 -3.34
CA MET A 167 -17.37 -7.68 -2.96
C MET A 167 -17.62 -8.83 -3.93
N GLN A 168 -17.32 -8.62 -5.22
CA GLN A 168 -17.42 -9.72 -6.18
C GLN A 168 -16.31 -10.74 -5.97
N GLU A 169 -15.11 -10.27 -5.61
CA GLU A 169 -14.00 -11.19 -5.38
C GLU A 169 -14.23 -12.02 -4.12
N ILE A 170 -14.82 -11.42 -3.09
CA ILE A 170 -15.22 -12.19 -1.91
C ILE A 170 -16.28 -13.21 -2.28
N GLU A 171 -17.28 -12.79 -3.07
CA GLU A 171 -18.30 -13.72 -3.54
C GLU A 171 -17.69 -14.80 -4.41
N SER A 172 -16.72 -14.44 -5.25
CA SER A 172 -16.14 -15.40 -6.17
C SER A 172 -15.32 -16.46 -5.44
N HIS A 173 -14.42 -16.04 -4.55
CA HIS A 173 -13.59 -16.98 -3.82
C HIS A 173 -14.34 -17.70 -2.71
N GLY A 174 -15.58 -17.31 -2.43
CA GLY A 174 -16.37 -17.98 -1.41
C GLY A 174 -15.90 -17.67 0.00
N ILE A 175 -15.74 -16.39 0.30
CA ILE A 175 -15.28 -15.96 1.61
C ILE A 175 -16.49 -15.68 2.49
N LYS A 176 -16.50 -16.26 3.68
CA LYS A 176 -17.60 -16.10 4.62
C LYS A 176 -17.24 -15.00 5.62
N ILE A 177 -17.48 -13.76 5.21
CA ILE A 177 -17.25 -12.62 6.11
C ILE A 177 -18.40 -12.54 7.10
N TYR A 178 -18.23 -11.77 8.15
CA TYR A 178 -19.25 -11.68 9.18
C TYR A 178 -20.50 -11.00 8.64
N PRO A 179 -21.64 -11.68 8.63
CA PRO A 179 -22.88 -11.05 8.15
C PRO A 179 -23.58 -10.26 9.23
N LEU A 180 -24.26 -9.20 8.80
CA LEU A 180 -25.07 -8.43 9.72
C LEU A 180 -26.46 -9.05 9.84
N PRO A 181 -26.93 -9.33 11.06
CA PRO A 181 -28.23 -9.99 11.20
C PRO A 181 -29.36 -9.11 10.68
N ASP A 182 -30.40 -9.77 10.17
CA ASP A 182 -31.58 -9.06 9.68
C ASP A 182 -32.50 -8.71 10.84
N CYS A 183 -33.17 -7.57 10.75
CA CYS A 183 -34.09 -7.13 11.78
C CYS A 183 -35.50 -7.62 11.48
N ASP A 184 -36.26 -7.86 12.54
CA ASP A 184 -37.62 -8.38 12.42
C ASP A 184 -38.57 -7.34 11.82
N ASP A 186 -41.51 -6.47 12.36
CA ASP A 186 -41.66 -5.02 12.36
C ASP A 186 -40.53 -4.35 13.14
N GLU A 187 -40.61 -4.46 14.47
CA GLU A 187 -39.61 -3.90 15.40
C GLU A 187 -39.58 -2.38 15.17
N ASP A 188 -38.41 -1.77 15.02
CA ASP A 188 -38.28 -0.34 14.83
C ASP A 188 -38.05 -0.02 13.35
N GLU A 189 -38.53 1.16 12.95
CA GLU A 189 -38.38 1.59 11.56
C GLU A 189 -37.07 2.32 11.33
N ASP A 190 -36.67 3.20 12.25
CA ASP A 190 -35.41 3.92 12.10
C ASP A 190 -34.22 2.98 12.26
N TYR A 191 -34.32 2.01 13.17
CA TYR A 191 -33.25 1.03 13.32
C TYR A 191 -33.16 0.11 12.11
N LYS A 192 -34.29 -0.15 11.45
CA LYS A 192 -34.27 -0.94 10.23
C LYS A 192 -33.61 -0.18 9.09
N GLU A 193 -33.74 1.15 9.08
CA GLU A 193 -33.05 1.97 8.07
C GLU A 193 -31.57 2.10 8.37
N GLN A 194 -31.19 2.16 9.65
CA GLN A 194 -29.77 2.23 9.99
C GLN A 194 -29.05 0.96 9.58
N VAL A 195 -29.61 -0.20 9.91
CA VAL A 195 -28.99 -1.46 9.54
C VAL A 195 -29.04 -1.69 8.04
N LYS A 196 -29.96 -1.03 7.33
CA LYS A 196 -30.01 -1.15 5.87
C LYS A 196 -28.84 -0.44 5.22
N GLN A 197 -28.47 0.74 5.73
CA GLN A 197 -27.32 1.46 5.18
C GLN A 197 -26.01 0.80 5.56
N LEU A 198 -25.96 0.15 6.72
CA LEU A 198 -24.76 -0.60 7.10
C LEU A 198 -24.51 -1.76 6.13
N LYS A 199 -25.58 -2.41 5.66
CA LYS A 199 -25.41 -3.49 4.71
C LYS A 199 -25.01 -2.98 3.33
N GLU A 200 -25.43 -1.76 2.98
CA GLU A 200 -25.05 -1.22 1.68
C GLU A 200 -23.70 -0.52 1.70
N ALA A 201 -23.16 -0.22 2.88
CA ALA A 201 -21.87 0.43 2.98
C ALA A 201 -20.71 -0.54 3.06
N VAL A 202 -20.96 -1.76 3.52
CA VAL A 202 -19.89 -2.76 3.62
C VAL A 202 -19.37 -3.10 2.22
N PRO A 203 -18.04 -3.18 2.01
CA PRO A 203 -16.96 -3.01 2.99
C PRO A 203 -16.77 -1.56 3.41
N PHE A 204 -16.70 -1.32 4.72
CA PHE A 204 -16.60 0.04 5.25
C PHE A 204 -15.25 0.64 4.88
N ALA A 205 -15.27 1.69 4.07
CA ALA A 205 -14.07 2.46 3.76
C ALA A 205 -13.93 3.53 4.85
N VAL A 206 -12.95 3.37 5.73
CA VAL A 206 -12.88 4.12 6.97
C VAL A 206 -11.67 5.04 6.96
N CYS A 207 -11.65 5.96 7.94
CA CYS A 207 -10.55 6.89 8.16
C CYS A 207 -10.36 7.08 9.66
N GLY A 208 -9.13 6.96 10.14
CA GLY A 208 -8.80 7.12 11.55
C GLY A 208 -8.02 8.40 11.78
N ALA A 209 -8.37 9.11 12.85
CA ALA A 209 -7.68 10.34 13.21
C ALA A 209 -7.96 10.66 14.67
N ASN A 210 -6.91 10.99 15.42
CA ASN A 210 -7.02 11.41 16.81
C ASN A 210 -6.96 12.91 16.97
N THR A 211 -6.70 13.66 15.90
CA THR A 211 -6.57 15.10 16.00
C THR A 211 -7.93 15.77 15.95
N LEU A 212 -8.20 16.64 16.92
CA LEU A 212 -9.44 17.39 16.98
C LEU A 212 -9.27 18.73 16.26
N LEU A 213 -10.19 19.04 15.36
CA LEU A 213 -10.11 20.27 14.58
C LEU A 213 -11.49 20.92 14.43
N VAL A 220 -15.16 16.25 16.65
CA VAL A 220 -14.68 16.94 15.44
C VAL A 220 -13.33 16.39 15.01
N ARG A 221 -13.17 15.07 15.10
CA ARG A 221 -11.91 14.45 14.71
C ARG A 221 -11.78 14.42 13.20
N GLY A 222 -10.55 14.58 12.71
CA GLY A 222 -10.34 14.59 11.28
C GLY A 222 -8.87 14.72 10.94
N ARG A 223 -8.61 14.79 9.62
CA ARG A 223 -7.27 14.92 9.08
C ARG A 223 -7.16 16.20 8.26
N LEU A 224 -6.01 16.88 8.36
CA LEU A 224 -5.80 18.17 7.74
C LEU A 224 -4.94 18.04 6.49
N TYR A 225 -5.42 18.62 5.40
CA TYR A 225 -4.72 18.69 4.13
C TYR A 225 -4.77 20.11 3.60
N PRO A 226 -3.81 20.51 2.76
CA PRO A 226 -3.83 21.88 2.22
C PRO A 226 -5.04 22.17 1.33
N TRP A 227 -5.65 21.14 0.73
CA TRP A 227 -6.81 21.33 -0.13
C TRP A 227 -8.14 21.16 0.59
N GLY A 228 -8.13 20.67 1.82
CA GLY A 228 -9.37 20.48 2.55
C GLY A 228 -9.12 19.70 3.82
N VAL A 229 -10.21 19.48 4.56
CA VAL A 229 -10.16 18.76 5.83
C VAL A 229 -11.11 17.58 5.76
N VAL A 230 -10.58 16.38 5.99
CA VAL A 230 -11.39 15.17 6.01
C VAL A 230 -12.07 15.06 7.37
N GLU A 231 -13.40 15.12 7.38
CA GLU A 231 -14.17 14.96 8.61
C GLU A 231 -14.38 13.48 8.84
N VAL A 232 -13.77 12.96 9.91
CA VAL A 232 -13.84 11.52 10.19
C VAL A 232 -15.26 11.14 10.61
N GLU A 233 -15.87 11.92 11.50
CA GLU A 233 -17.20 11.60 11.99
C GLU A 233 -18.29 11.85 10.96
N ASN A 234 -17.95 12.46 9.82
CA ASN A 234 -18.94 12.74 8.78
C ASN A 234 -19.10 11.52 7.88
N PRO A 235 -20.31 10.96 7.76
CA PRO A 235 -20.47 9.78 6.88
C PRO A 235 -20.26 10.09 5.41
N ASP A 236 -20.47 11.34 4.98
CA ASP A 236 -20.28 11.70 3.57
C ASP A 236 -18.82 11.58 3.14
N HIS A 237 -17.88 11.67 4.08
CA HIS A 237 -16.46 11.60 3.78
C HIS A 237 -15.91 10.18 3.90
N CYS A 238 -16.22 9.48 5.00
CA CYS A 238 -15.76 8.12 5.18
C CYS A 238 -16.80 7.34 5.99
N ASP A 239 -16.62 6.03 6.06
CA ASP A 239 -17.53 5.14 6.77
C ASP A 239 -17.04 4.82 8.18
N PHE A 240 -16.34 5.75 8.82
CA PHE A 240 -15.86 5.52 10.18
C PHE A 240 -17.02 5.34 11.14
N ILE A 241 -17.98 6.28 11.12
CA ILE A 241 -19.10 6.23 12.04
C ILE A 241 -19.91 4.96 11.82
N LYS A 242 -20.00 4.47 10.59
CA LYS A 242 -20.75 3.25 10.32
C LYS A 242 -20.05 2.03 10.87
N LEU A 243 -18.70 2.01 10.82
CA LEU A 243 -17.96 0.90 11.40
C LEU A 243 -18.04 0.92 12.92
N ARG A 244 -17.87 2.09 13.53
CA ARG A 244 -17.98 2.20 14.98
C ARG A 244 -19.38 1.83 15.45
N THR A 245 -20.41 2.33 14.75
CA THR A 245 -21.78 2.01 15.13
C THR A 245 -22.07 0.53 14.98
N MET A 246 -21.57 -0.09 13.91
CA MET A 246 -21.77 -1.52 13.73
C MET A 246 -21.10 -2.32 14.83
N LEU A 247 -19.91 -1.88 15.25
CA LEU A 247 -19.18 -2.62 16.28
C LEU A 247 -19.95 -2.64 17.59
N ILE A 248 -20.46 -1.49 18.02
CA ILE A 248 -21.14 -1.40 19.30
C ILE A 248 -22.46 -2.16 19.27
N THR A 249 -23.23 -2.00 18.20
CA THR A 249 -24.54 -2.63 18.12
C THR A 249 -24.45 -4.14 17.88
N HIS A 250 -23.31 -4.63 17.43
CA HIS A 250 -23.16 -6.06 17.11
C HIS A 250 -22.16 -6.77 18.02
N MET A 251 -21.73 -6.15 19.13
CA MET A 251 -20.85 -6.85 20.05
C MET A 251 -21.52 -8.08 20.64
N GLN A 252 -22.83 -8.01 20.88
CA GLN A 252 -23.54 -9.18 21.38
C GLN A 252 -23.51 -10.31 20.36
N ASP A 253 -23.96 -10.03 19.13
CA ASP A 253 -24.03 -11.08 18.12
C ASP A 253 -22.65 -11.62 17.79
N LEU A 254 -21.66 -10.74 17.66
CA LEU A 254 -20.28 -11.18 17.41
C LEU A 254 -19.82 -12.13 18.50
N GLN A 255 -20.14 -11.82 19.76
CA GLN A 255 -19.75 -12.70 20.86
C GLN A 255 -20.52 -14.01 20.81
N GLU A 256 -21.81 -13.95 20.44
CA GLU A 256 -22.63 -15.16 20.42
C GLU A 256 -22.25 -16.07 19.27
N VAL A 257 -22.00 -15.50 18.08
CA VAL A 257 -21.61 -16.32 16.94
C VAL A 257 -20.25 -16.95 17.16
N THR A 258 -19.36 -16.27 17.88
CA THR A 258 -18.06 -16.86 18.21
C THR A 258 -18.22 -18.10 19.08
N GLN A 259 -19.21 -18.11 19.96
CA GLN A 259 -19.41 -19.21 20.89
C GLN A 259 -20.29 -20.31 20.29
N GLU A 260 -21.42 -19.94 19.69
CA GLU A 260 -22.39 -20.94 19.23
C GLU A 260 -22.04 -21.53 17.88
N VAL A 261 -21.14 -20.90 17.11
CA VAL A 261 -20.83 -21.37 15.76
C VAL A 261 -19.38 -21.81 15.66
N HIS A 262 -18.46 -20.85 15.71
CA HIS A 262 -17.05 -21.17 15.46
C HIS A 262 -16.47 -22.05 16.56
N TYR A 263 -16.75 -21.72 17.82
CA TYR A 263 -16.25 -22.55 18.92
C TYR A 263 -16.83 -23.95 18.88
N GLU A 264 -18.14 -24.07 18.63
CA GLU A 264 -18.77 -25.37 18.58
C GLU A 264 -18.26 -26.19 17.40
N ASN A 265 -17.91 -25.53 16.29
CA ASN A 265 -17.34 -26.25 15.16
C ASN A 265 -15.93 -26.75 15.48
N TYR A 266 -15.14 -25.93 16.17
CA TYR A 266 -13.81 -26.38 16.59
C TYR A 266 -13.93 -27.51 17.61
N ARG A 267 -14.94 -27.45 18.48
CA ARG A 267 -15.13 -28.50 19.47
C ARG A 267 -15.45 -29.83 18.81
N SER A 268 -16.40 -29.83 17.88
CA SER A 268 -16.78 -31.08 17.20
C SER A 268 -15.64 -31.62 16.36
N ASP A 269 -14.85 -30.73 15.74
CA ASP A 269 -13.71 -31.19 14.95
C ASP A 269 -12.63 -31.80 15.83
N ARG A 270 -12.39 -31.20 17.00
CA ARG A 270 -11.31 -31.67 17.86
C ARG A 270 -11.69 -32.93 18.63
N LEU A 271 -12.97 -33.10 18.96
CA LEU A 271 -13.39 -34.29 19.70
C LEU A 271 -13.25 -35.56 18.88
N ALA A 272 -13.22 -35.46 17.55
CA ALA A 272 -12.97 -36.61 16.70
C ALA A 272 -11.49 -36.87 16.46
N LYS A 273 -10.62 -36.01 16.99
CA LYS A 273 -9.17 -36.20 16.83
C LYS A 273 -8.60 -37.01 17.99
N GLY B 15 14.85 10.65 -33.28
CA GLY B 15 14.39 11.45 -32.16
C GLY B 15 15.13 11.17 -30.86
N PHE B 16 14.81 11.94 -29.83
CA PHE B 16 15.46 11.78 -28.53
C PHE B 16 15.03 10.46 -27.90
N VAL B 17 15.95 9.50 -27.86
CA VAL B 17 15.66 8.18 -27.34
C VAL B 17 15.85 8.25 -25.82
N PHE B 18 14.74 8.46 -25.12
CA PHE B 18 14.72 8.50 -23.67
C PHE B 18 13.89 7.33 -23.16
N ASN B 19 14.51 6.46 -22.37
CA ASN B 19 13.87 5.25 -21.87
C ASN B 19 13.62 5.40 -20.37
N VAL B 20 12.37 5.23 -19.97
CA VAL B 20 11.93 5.36 -18.58
C VAL B 20 11.45 4.00 -18.11
N MET B 21 11.71 3.69 -16.85
CA MET B 21 11.22 2.46 -16.23
C MET B 21 10.48 2.81 -14.95
N CYS B 22 9.21 2.41 -14.87
CA CYS B 22 8.37 2.66 -13.70
C CYS B 22 8.30 1.38 -12.87
N ILE B 23 8.97 1.38 -11.72
CA ILE B 23 8.88 0.29 -10.75
C ILE B 23 7.85 0.69 -9.71
N GLY B 24 6.85 -0.14 -9.50
CA GLY B 24 5.83 0.17 -8.52
C GLY B 24 4.79 -0.92 -8.38
N GLU B 25 4.21 -1.06 -7.19
CA GLU B 25 3.20 -2.08 -6.99
C GLU B 25 1.97 -1.81 -7.85
N THR B 26 1.16 -2.85 -8.02
CA THR B 26 0.04 -2.78 -8.95
C THR B 26 -1.00 -1.79 -8.45
N GLY B 27 -1.31 -0.79 -9.27
CA GLY B 27 -2.32 0.20 -8.96
C GLY B 27 -1.81 1.47 -8.31
N LEU B 28 -0.51 1.60 -8.08
CA LEU B 28 0.01 2.77 -7.39
C LEU B 28 0.05 4.02 -8.24
N GLY B 29 -0.49 3.97 -9.46
CA GLY B 29 -0.56 5.16 -10.29
C GLY B 29 0.61 5.37 -11.22
N LYS B 30 1.29 4.30 -11.64
CA LYS B 30 2.42 4.45 -12.56
C LYS B 30 1.95 5.01 -13.90
N SER B 31 0.98 4.35 -14.53
CA SER B 31 0.52 4.79 -15.84
C SER B 31 -0.22 6.11 -15.78
N THR B 32 -0.95 6.36 -14.68
CA THR B 32 -1.64 7.64 -14.53
C THR B 32 -0.66 8.80 -14.47
N LEU B 33 0.46 8.61 -13.78
CA LEU B 33 1.46 9.67 -13.67
C LEU B 33 2.15 9.92 -15.01
N MET B 34 2.35 8.86 -15.80
CA MET B 34 2.98 9.04 -17.10
C MET B 34 2.09 9.87 -18.03
N ASP B 35 0.78 9.59 -18.04
CA ASP B 35 -0.15 10.41 -18.80
C ASP B 35 -0.19 11.83 -18.28
N THR B 36 -0.08 11.99 -16.96
CA THR B 36 -0.10 13.33 -16.36
C THR B 36 1.17 14.11 -16.71
N LEU B 37 2.29 13.40 -16.86
CA LEU B 37 3.57 14.08 -17.02
C LEU B 37 3.84 14.46 -18.48
N PHE B 38 3.36 13.65 -19.42
CA PHE B 38 3.53 13.94 -20.84
C PHE B 38 2.29 14.56 -21.48
N ASN B 39 1.27 14.87 -20.70
CA ASN B 39 0.04 15.51 -21.18
C ASN B 39 -0.64 14.72 -22.30
N THR B 40 -0.34 13.43 -22.40
CA THR B 40 -0.97 12.59 -23.43
C THR B 40 -1.63 11.38 -22.77
N SER B 41 -2.03 10.40 -23.58
CA SER B 41 -2.67 9.19 -23.09
C SER B 41 -2.01 7.98 -23.75
N PHE B 42 -1.04 7.40 -23.04
CA PHE B 42 -0.44 6.17 -23.51
C PHE B 42 -1.39 5.00 -23.32
N GLU B 43 -1.08 3.89 -23.99
CA GLU B 43 -1.85 2.66 -23.81
C GLU B 43 -1.62 2.15 -22.40
N SER B 44 -2.65 2.21 -21.56
CA SER B 44 -2.55 1.92 -20.14
C SER B 44 -3.67 0.98 -19.71
N THR B 45 -3.52 -0.30 -20.03
CA THR B 45 -4.47 -1.26 -19.49
C THR B 45 -4.03 -1.69 -18.09
N PRO B 46 -4.96 -1.83 -17.15
CA PRO B 46 -4.58 -2.23 -15.80
C PRO B 46 -4.14 -3.69 -15.74
N SER B 47 -3.47 -4.04 -14.65
CA SER B 47 -3.01 -5.39 -14.42
C SER B 47 -3.64 -5.96 -13.16
N PRO B 48 -3.97 -7.24 -13.15
CA PRO B 48 -4.57 -7.84 -11.95
C PRO B 48 -3.50 -8.22 -10.94
N HIS B 49 -3.94 -8.40 -9.71
CA HIS B 49 -3.05 -8.81 -8.63
C HIS B 49 -2.74 -10.31 -8.64
N THR B 50 -3.26 -11.04 -9.63
CA THR B 50 -3.10 -12.49 -9.65
C THR B 50 -2.06 -12.94 -10.68
N LEU B 51 -0.90 -12.30 -10.68
CA LEU B 51 0.12 -12.70 -11.64
C LEU B 51 1.20 -13.51 -10.95
N PRO B 52 1.62 -14.64 -11.53
CA PRO B 52 2.50 -15.55 -10.79
C PRO B 52 3.89 -15.00 -10.53
N SER B 53 4.34 -14.03 -11.32
CA SER B 53 5.69 -13.50 -11.16
C SER B 53 5.74 -12.08 -11.73
N VAL B 54 6.74 -11.34 -11.28
CA VAL B 54 6.95 -9.97 -11.75
C VAL B 54 7.57 -10.01 -13.15
N LYS B 55 6.93 -9.34 -14.10
CA LYS B 55 7.44 -9.20 -15.45
C LYS B 55 7.34 -7.73 -15.87
N LEU B 56 7.82 -7.44 -17.08
CA LEU B 56 7.88 -6.07 -17.56
C LEU B 56 7.20 -5.96 -18.92
N LYS B 57 6.45 -4.87 -19.11
CA LYS B 57 5.81 -4.55 -20.38
C LYS B 57 6.32 -3.18 -20.82
N ALA B 58 6.95 -3.14 -21.99
CA ALA B 58 7.54 -1.91 -22.52
C ALA B 58 6.86 -1.53 -23.81
N HIS B 59 6.41 -0.27 -23.90
CA HIS B 59 5.83 0.29 -25.11
C HIS B 59 6.66 1.46 -25.58
N THR B 60 6.67 1.67 -26.90
CA THR B 60 7.41 2.77 -27.51
C THR B 60 6.42 3.78 -28.10
N TYR B 61 6.72 5.06 -27.90
CA TYR B 61 5.85 6.13 -28.37
C TYR B 61 6.68 7.24 -29.00
N GLU B 62 6.13 7.86 -30.04
CA GLU B 62 6.73 9.03 -30.68
C GLU B 62 5.79 10.21 -30.47
N LEU B 63 6.20 11.15 -29.64
CA LEU B 63 5.37 12.28 -29.26
C LEU B 63 6.18 13.57 -29.37
N GLN B 64 5.56 14.68 -28.97
CA GLN B 64 6.16 16.00 -29.03
C GLN B 64 6.63 16.34 -30.45
N ARG B 69 10.21 16.54 -30.42
CA ARG B 69 10.04 15.19 -30.94
C ARG B 69 10.99 14.20 -30.25
N LEU B 70 10.44 13.18 -29.59
CA LEU B 70 11.26 12.19 -28.90
C LEU B 70 10.62 10.81 -29.05
N LYS B 71 11.48 9.78 -29.00
CA LYS B 71 11.04 8.39 -29.10
C LYS B 71 11.08 7.79 -27.70
N LEU B 72 9.97 7.97 -26.97
CA LEU B 72 9.89 7.56 -25.58
C LEU B 72 9.62 6.06 -25.48
N THR B 73 10.28 5.42 -24.52
CA THR B 73 10.08 4.01 -24.20
C THR B 73 9.75 3.90 -22.72
N ILE B 74 8.51 3.54 -22.41
CA ILE B 74 8.05 3.39 -21.04
C ILE B 74 8.04 1.90 -20.71
N CYS B 75 8.78 1.52 -19.68
CA CYS B 75 8.91 0.12 -19.27
C CYS B 75 8.27 -0.01 -17.88
N ASP B 76 7.03 -0.52 -17.85
CA ASP B 76 6.26 -0.64 -16.61
C ASP B 76 6.50 -2.00 -15.95
N THR B 77 6.26 -2.05 -14.64
CA THR B 77 6.40 -3.27 -13.86
C THR B 77 5.01 -3.87 -13.67
N VAL B 78 4.79 -5.05 -14.25
CA VAL B 78 3.48 -5.70 -14.24
C VAL B 78 3.51 -6.82 -13.21
N GLY B 79 2.62 -6.74 -12.23
CA GLY B 79 2.53 -7.76 -11.20
C GLY B 79 3.42 -7.55 -10.00
N TYR B 80 3.89 -6.33 -9.77
CA TYR B 80 4.84 -6.07 -8.69
C TYR B 80 4.12 -6.02 -7.35
N GLY B 81 4.68 -6.71 -6.36
CA GLY B 81 4.13 -6.68 -5.02
C GLY B 81 2.77 -7.30 -4.86
N ASP B 82 2.49 -8.39 -5.55
CA ASP B 82 1.22 -9.09 -5.45
C ASP B 82 1.35 -10.55 -5.06
N GLN B 83 2.42 -11.23 -5.45
CA GLN B 83 2.62 -12.61 -5.06
C GLN B 83 2.82 -12.71 -3.55
N ILE B 84 2.39 -13.84 -2.99
CA ILE B 84 2.62 -14.08 -1.57
C ILE B 84 4.09 -14.33 -1.31
N ASN B 85 4.79 -14.95 -2.25
CA ASN B 85 6.24 -15.18 -2.15
C ASN B 85 6.92 -14.26 -3.16
N LYS B 86 7.44 -13.14 -2.69
CA LYS B 86 8.08 -12.14 -3.54
C LYS B 86 9.60 -12.29 -3.58
N ASP B 87 10.11 -13.50 -3.36
CA ASP B 87 11.56 -13.71 -3.36
C ASP B 87 12.15 -13.40 -4.73
N ASP B 88 11.75 -14.17 -5.75
CA ASP B 88 12.31 -14.02 -7.09
C ASP B 88 11.60 -12.95 -7.91
N SER B 89 11.26 -11.81 -7.28
CA SER B 89 10.61 -10.70 -7.96
C SER B 89 11.61 -9.63 -8.40
N PHE B 90 12.89 -9.97 -8.49
CA PHE B 90 13.93 -9.03 -8.88
C PHE B 90 14.66 -9.41 -10.15
N LYS B 91 14.65 -10.69 -10.54
CA LYS B 91 15.41 -11.12 -11.71
C LYS B 91 14.90 -10.44 -12.98
N ALA B 92 13.58 -10.51 -13.21
CA ALA B 92 13.03 -9.98 -14.46
C ALA B 92 13.37 -8.51 -14.66
N VAL B 93 13.50 -7.75 -13.56
CA VAL B 93 13.93 -6.37 -13.67
C VAL B 93 15.40 -6.30 -14.03
N VAL B 94 16.25 -6.98 -13.26
CA VAL B 94 17.69 -6.92 -13.49
C VAL B 94 18.04 -7.57 -14.83
N ASP B 95 17.41 -8.71 -15.15
CA ASP B 95 17.70 -9.38 -16.41
C ASP B 95 17.37 -8.49 -17.60
N TYR B 96 16.29 -7.70 -17.48
CA TYR B 96 15.95 -6.77 -18.56
C TYR B 96 16.99 -5.67 -18.69
N ILE B 97 17.32 -5.02 -17.57
CA ILE B 97 18.30 -3.93 -17.59
C ILE B 97 19.66 -4.44 -18.04
N ASP B 98 20.04 -5.65 -17.61
CA ASP B 98 21.28 -6.24 -18.10
C ASP B 98 21.18 -6.65 -19.56
N ALA B 99 19.98 -7.02 -20.03
CA ALA B 99 19.82 -7.40 -21.43
C ALA B 99 20.03 -6.20 -22.35
N GLN B 100 19.49 -5.04 -21.99
CA GLN B 100 19.70 -3.85 -22.80
C GLN B 100 21.17 -3.43 -22.82
N PHE B 101 21.89 -3.66 -21.71
CA PHE B 101 23.32 -3.37 -21.70
C PHE B 101 24.08 -4.33 -22.61
N GLU B 102 23.74 -5.61 -22.58
CA GLU B 102 24.41 -6.57 -23.44
C GLU B 102 24.08 -6.32 -24.91
N ASN B 103 22.85 -5.87 -25.21
CA ASN B 103 22.50 -5.55 -26.58
C ASN B 103 23.32 -4.38 -27.10
N TYR B 104 23.56 -3.38 -26.25
CA TYR B 104 24.39 -2.25 -26.67
C TYR B 104 25.85 -2.64 -26.75
N LEU B 105 26.31 -3.51 -25.84
CA LEU B 105 27.69 -3.96 -25.86
C LEU B 105 27.98 -4.83 -27.09
N GLN B 106 27.08 -5.78 -27.38
CA GLN B 106 27.28 -6.64 -28.54
C GLN B 106 27.24 -5.83 -29.83
N GLU B 107 26.53 -4.69 -29.83
CA GLU B 107 26.57 -3.80 -30.99
C GLU B 107 27.94 -3.16 -31.15
N GLU B 108 28.63 -2.84 -30.05
CA GLU B 108 29.97 -2.30 -30.15
C GLU B 108 30.96 -3.34 -30.69
N LEU B 109 30.84 -4.58 -30.25
CA LEU B 109 31.78 -5.62 -30.65
C LEU B 109 31.67 -5.97 -32.13
N LYS B 110 30.56 -5.62 -32.77
CA LYS B 110 30.39 -5.95 -34.18
C LYS B 110 31.43 -5.23 -35.03
N ILE B 111 31.98 -5.95 -36.01
CA ILE B 111 33.00 -5.37 -36.88
C ILE B 111 32.40 -4.29 -37.76
N LYS B 112 31.31 -4.63 -38.47
CA LYS B 112 30.59 -3.64 -39.28
C LYS B 112 29.35 -3.17 -38.50
N ARG B 113 29.63 -2.39 -37.46
CA ARG B 113 28.59 -1.89 -36.56
C ARG B 113 28.00 -0.58 -37.08
N SER B 114 26.84 -0.21 -36.53
CA SER B 114 26.13 1.02 -36.88
C SER B 114 25.54 1.61 -35.60
N LEU B 115 26.41 2.27 -34.81
CA LEU B 115 25.98 2.86 -33.55
C LEU B 115 25.12 4.10 -33.74
N VAL B 116 25.24 4.78 -34.88
CA VAL B 116 24.42 5.97 -35.12
C VAL B 116 22.96 5.59 -35.29
N THR B 117 22.69 4.48 -35.99
CA THR B 117 21.33 4.01 -36.21
C THR B 117 20.89 2.95 -35.21
N CYS B 118 21.79 2.50 -34.33
CA CYS B 118 21.41 1.52 -33.32
C CYS B 118 20.42 2.12 -32.34
N HIS B 119 19.39 1.34 -32.00
CA HIS B 119 18.39 1.78 -31.05
C HIS B 119 18.92 1.54 -29.63
N ASP B 120 19.21 2.62 -28.91
CA ASP B 120 19.69 2.54 -27.54
C ASP B 120 18.49 2.26 -26.64
N SER B 121 18.32 1.00 -26.24
CA SER B 121 17.21 0.57 -25.42
C SER B 121 17.58 0.48 -23.94
N ARG B 122 18.70 1.06 -23.54
CA ARG B 122 19.13 1.03 -22.15
C ARG B 122 18.27 1.95 -21.30
N ILE B 123 17.92 1.48 -20.11
CA ILE B 123 17.11 2.28 -19.19
C ILE B 123 17.96 3.43 -18.65
N HIS B 124 17.57 4.66 -18.99
CA HIS B 124 18.26 5.87 -18.55
C HIS B 124 17.82 6.32 -17.17
N ILE B 125 16.51 6.32 -16.90
CA ILE B 125 15.96 6.76 -15.62
C ILE B 125 14.93 5.74 -15.17
N CYS B 126 14.81 5.58 -13.85
CA CYS B 126 13.89 4.61 -13.26
C CYS B 126 13.18 5.24 -12.07
N LEU B 127 11.88 5.47 -12.21
CA LEU B 127 11.07 6.03 -11.13
C LEU B 127 10.56 4.90 -10.25
N TYR B 128 10.84 4.98 -8.95
CA TYR B 128 10.40 3.97 -7.99
C TYR B 128 9.23 4.54 -7.19
N PHE B 129 8.05 3.92 -7.35
CA PHE B 129 6.85 4.37 -6.67
C PHE B 129 6.78 3.69 -5.31
N ILE B 130 6.87 4.49 -4.24
CA ILE B 130 6.78 3.99 -2.88
C ILE B 130 5.35 4.14 -2.39
N CYS B 131 4.84 3.11 -1.72
CA CYS B 131 3.48 3.17 -1.21
C CYS B 131 3.36 4.27 -0.16
N PRO B 132 2.30 5.08 -0.22
CA PRO B 132 2.10 6.17 0.76
C PRO B 132 1.66 5.65 2.12
N THR B 133 2.45 4.71 2.68
CA THR B 133 2.12 4.14 3.99
C THR B 133 2.32 5.17 5.10
N GLY B 134 3.43 5.90 5.05
CA GLY B 134 3.76 6.90 6.04
C GLY B 134 4.92 6.52 6.94
N HIS B 135 5.17 5.23 7.11
CA HIS B 135 6.27 4.76 7.95
C HIS B 135 7.60 4.93 7.24
N GLY B 136 7.93 4.00 6.36
CA GLY B 136 9.18 4.08 5.61
C GLY B 136 9.17 3.22 4.37
N LEU B 137 10.32 2.64 4.04
CA LEU B 137 10.43 1.75 2.88
C LEU B 137 10.12 0.32 3.29
N LYS B 138 9.34 -0.36 2.47
CA LYS B 138 9.13 -1.79 2.67
C LYS B 138 10.43 -2.55 2.40
N SER B 139 10.48 -3.79 2.89
CA SER B 139 11.64 -4.63 2.63
C SER B 139 11.83 -4.85 1.14
N LEU B 140 10.72 -4.95 0.39
CA LEU B 140 10.81 -5.07 -1.06
C LEU B 140 11.50 -3.87 -1.68
N ASP B 141 11.30 -2.69 -1.11
CA ASP B 141 11.87 -1.47 -1.68
C ASP B 141 13.39 -1.44 -1.51
N LEU B 142 13.88 -1.81 -0.32
CA LEU B 142 15.32 -1.76 -0.08
C LEU B 142 16.06 -2.80 -0.93
N VAL B 143 15.54 -4.03 -0.99
CA VAL B 143 16.22 -5.06 -1.75
C VAL B 143 16.23 -4.70 -3.23
N CYS B 144 15.12 -4.19 -3.75
CA CYS B 144 15.05 -3.88 -5.17
C CYS B 144 15.97 -2.73 -5.54
N MET B 145 16.09 -1.72 -4.67
CA MET B 145 16.94 -0.58 -4.99
C MET B 145 18.42 -0.92 -4.88
N LYS B 146 18.80 -1.80 -3.95
CA LYS B 146 20.20 -2.18 -3.84
C LYS B 146 20.62 -3.11 -4.96
N LYS B 147 19.69 -3.78 -5.63
CA LYS B 147 20.01 -4.56 -6.81
C LYS B 147 20.16 -3.70 -8.07
N LEU B 148 19.59 -2.50 -8.06
CA LEU B 148 19.59 -1.62 -9.23
C LEU B 148 20.41 -0.36 -9.03
N ASP B 149 20.96 -0.12 -7.84
CA ASP B 149 21.67 1.13 -7.59
C ASP B 149 22.88 1.28 -8.51
N SER B 150 23.48 0.17 -8.94
CA SER B 150 24.62 0.20 -9.85
C SER B 150 24.22 -0.14 -11.28
N LYS B 151 22.94 -0.12 -11.60
CA LYS B 151 22.44 -0.46 -12.92
C LYS B 151 21.71 0.67 -13.62
N VAL B 152 20.90 1.46 -12.89
CA VAL B 152 20.12 2.54 -13.47
C VAL B 152 20.09 3.73 -12.52
N ASN B 153 19.75 4.89 -13.08
CA ASN B 153 19.52 6.09 -12.30
C ASN B 153 18.17 5.97 -11.60
N ILE B 154 18.18 5.94 -10.27
CA ILE B 154 16.97 5.70 -9.49
C ILE B 154 16.46 7.03 -8.95
N ILE B 155 15.19 7.33 -9.23
CA ILE B 155 14.50 8.47 -8.65
C ILE B 155 13.32 7.94 -7.82
N PRO B 156 13.42 7.95 -6.50
CA PRO B 156 12.30 7.50 -5.68
C PRO B 156 11.24 8.58 -5.56
N VAL B 157 9.98 8.16 -5.65
CA VAL B 157 8.83 9.04 -5.51
C VAL B 157 7.83 8.39 -4.58
N ILE B 158 6.98 9.22 -3.98
CA ILE B 158 5.92 8.76 -3.09
C ILE B 158 4.63 8.78 -3.91
N ALA B 159 4.22 7.62 -4.39
CA ALA B 159 3.01 7.52 -5.19
C ALA B 159 1.79 7.81 -4.33
N LYS B 160 0.77 8.40 -4.97
CA LYS B 160 -0.46 8.77 -4.27
C LYS B 160 -0.16 9.66 -3.07
N ALA B 161 0.56 10.75 -3.33
CA ALA B 161 1.07 11.56 -2.24
C ALA B 161 -0.06 12.24 -1.47
N ASP B 162 -1.21 12.45 -2.11
CA ASP B 162 -2.34 13.07 -1.42
C ASP B 162 -2.83 12.24 -0.24
N THR B 163 -2.49 10.95 -0.19
CA THR B 163 -2.86 10.12 0.95
C THR B 163 -2.16 10.56 2.23
N ILE B 164 -1.11 11.35 2.12
CA ILE B 164 -0.30 11.76 3.25
C ILE B 164 -0.45 13.27 3.46
N SER B 165 -0.62 13.68 4.71
CA SER B 165 -0.67 15.10 5.02
C SER B 165 0.75 15.67 5.06
N LYS B 166 0.83 17.00 5.03
CA LYS B 166 2.13 17.66 4.99
C LYS B 166 2.90 17.48 6.30
N VAL B 167 2.18 17.26 7.41
CA VAL B 167 2.87 16.99 8.67
C VAL B 167 3.56 15.64 8.62
N GLU B 168 2.85 14.61 8.14
CA GLU B 168 3.42 13.27 8.02
C GLU B 168 4.42 13.18 6.88
N LEU B 169 4.18 13.91 5.78
CA LEU B 169 5.10 13.88 4.66
C LEU B 169 6.49 14.35 5.05
N GLN B 170 6.58 15.27 6.01
CA GLN B 170 7.89 15.74 6.47
C GLN B 170 8.66 14.61 7.14
N ARG B 171 8.02 13.90 8.06
CA ARG B 171 8.65 12.76 8.72
C ARG B 171 8.83 11.57 7.78
N PHE B 172 7.99 11.47 6.73
CA PHE B 172 8.09 10.36 5.81
C PHE B 172 9.34 10.48 4.94
N LYS B 173 9.51 11.63 4.28
CA LYS B 173 10.73 11.86 3.51
C LYS B 173 11.96 11.78 4.39
N ALA B 174 11.82 12.13 5.67
CA ALA B 174 12.93 11.99 6.62
C ALA B 174 13.35 10.53 6.76
N LYS B 175 12.39 9.64 7.04
CA LYS B 175 12.73 8.23 7.24
C LYS B 175 13.20 7.59 5.94
N ILE B 176 12.61 7.98 4.81
CA ILE B 176 13.01 7.41 3.53
C ILE B 176 14.45 7.78 3.21
N ILE B 177 14.80 9.07 3.31
CA ILE B 177 16.17 9.47 3.03
C ILE B 177 17.14 8.84 4.02
N GLN B 178 16.73 8.75 5.28
CA GLN B 178 17.60 8.16 6.29
C GLN B 178 17.88 6.69 6.00
N GLU B 179 16.85 5.93 5.66
CA GLU B 179 17.05 4.51 5.38
C GLU B 179 17.87 4.31 4.11
N LEU B 180 17.73 5.20 3.12
CA LEU B 180 18.47 5.05 1.88
C LEU B 180 19.95 5.32 2.09
N ASN B 181 20.28 6.42 2.76
CA ASN B 181 21.67 6.78 3.02
C ASN B 181 22.29 5.96 4.13
N ALA B 182 21.52 5.08 4.78
CA ALA B 182 22.08 4.17 5.77
C ALA B 182 22.43 2.81 5.17
N ASN B 183 21.80 2.44 4.06
CA ASN B 183 22.10 1.19 3.37
C ASN B 183 23.05 1.37 2.20
N GLY B 184 23.47 2.60 1.92
CA GLY B 184 24.34 2.85 0.78
C GLY B 184 23.65 2.66 -0.56
N VAL B 185 22.42 3.13 -0.68
CA VAL B 185 21.67 3.01 -1.93
C VAL B 185 21.95 4.25 -2.78
N HIS B 186 22.59 4.04 -3.92
CA HIS B 186 22.98 5.15 -4.80
C HIS B 186 21.78 5.59 -5.61
N ILE B 187 21.19 6.73 -5.23
CA ILE B 187 20.07 7.31 -5.95
C ILE B 187 20.60 8.39 -6.87
N TYR B 188 19.77 8.80 -7.82
CA TYR B 188 20.17 9.82 -8.78
C TYR B 188 20.08 11.21 -8.18
N GLN B 189 21.06 12.05 -8.53
CA GLN B 189 21.07 13.46 -8.15
C GLN B 189 21.20 14.30 -9.41
N PHE B 190 20.51 15.44 -9.43
CA PHE B 190 20.49 16.27 -10.63
C PHE B 190 21.78 17.08 -10.74
N PRO B 191 22.23 17.35 -11.96
CA PRO B 191 23.56 17.95 -12.16
C PRO B 191 23.63 19.37 -11.61
N THR B 192 24.63 19.61 -10.78
CA THR B 192 24.91 20.94 -10.25
C THR B 192 26.20 21.52 -10.78
N ASP B 193 26.77 20.93 -11.85
CA ASP B 193 28.00 21.46 -12.42
C ASP B 193 27.76 22.84 -13.03
N ASP B 194 26.70 22.98 -13.82
CA ASP B 194 26.35 24.27 -14.38
C ASP B 194 25.87 25.20 -13.27
N GLU B 195 26.51 26.36 -13.16
CA GLU B 195 26.17 27.31 -12.10
C GLU B 195 24.76 27.89 -12.26
N THR B 196 24.24 27.91 -13.48
CA THR B 196 22.89 28.43 -13.70
C THR B 196 21.84 27.52 -13.07
N VAL B 197 21.96 26.21 -13.29
CA VAL B 197 21.02 25.25 -12.76
C VAL B 197 21.44 24.81 -11.37
N ALA B 198 22.50 25.42 -10.85
CA ALA B 198 23.02 25.02 -9.54
C ALA B 198 22.01 25.30 -8.43
N GLU B 199 21.44 26.50 -8.41
CA GLU B 199 20.48 26.84 -7.36
C GLU B 199 19.16 26.10 -7.55
N THR B 200 18.74 25.87 -8.79
CA THR B 200 17.46 25.21 -9.03
C THR B 200 17.55 23.72 -8.76
N ASN B 201 18.64 23.07 -9.18
CA ASN B 201 18.82 21.66 -8.91
C ASN B 201 19.21 21.38 -7.47
N THR B 202 19.55 22.41 -6.69
CA THR B 202 19.82 22.20 -5.26
C THR B 202 18.54 21.86 -4.51
N SER B 203 17.55 22.75 -4.57
CA SER B 203 16.24 22.46 -4.00
C SER B 203 15.56 21.30 -4.72
N MET B 204 15.92 21.06 -5.97
CA MET B 204 15.40 19.90 -6.70
C MET B 204 15.81 18.61 -6.01
N ASN B 205 17.10 18.46 -5.71
CA ASN B 205 17.56 17.26 -5.01
C ASN B 205 17.09 17.24 -3.57
N SER B 206 16.82 18.40 -2.99
CA SER B 206 16.41 18.47 -1.59
C SER B 206 14.96 18.07 -1.36
N HIS B 207 14.17 17.92 -2.41
CA HIS B 207 12.78 17.48 -2.29
C HIS B 207 12.58 16.03 -2.71
N ILE B 208 13.66 15.29 -2.92
CA ILE B 208 13.58 13.85 -3.18
C ILE B 208 13.32 13.14 -1.86
N PRO B 209 12.38 12.19 -1.78
CA PRO B 209 11.51 11.69 -2.86
C PRO B 209 10.39 12.65 -3.22
N PHE B 210 10.05 12.71 -4.50
CA PHE B 210 9.03 13.64 -4.98
C PHE B 210 7.64 13.11 -4.62
N ALA B 211 6.92 13.86 -3.79
CA ALA B 211 5.54 13.53 -3.46
C ALA B 211 4.69 13.86 -4.69
N VAL B 212 4.29 12.82 -5.42
CA VAL B 212 3.65 12.99 -6.72
C VAL B 212 2.18 12.59 -6.63
N VAL B 213 1.36 13.29 -7.39
CA VAL B 213 -0.07 13.01 -7.51
C VAL B 213 -0.41 13.07 -8.99
N GLY B 214 -0.93 11.97 -9.53
CA GLY B 214 -1.29 11.89 -10.95
C GLY B 214 -2.80 11.91 -11.12
N SER B 215 -3.25 12.61 -12.16
CA SER B 215 -4.67 12.72 -12.43
C SER B 215 -4.89 12.98 -13.91
N THR B 216 -5.86 12.28 -14.49
CA THR B 216 -6.25 12.51 -15.87
C THR B 216 -7.54 13.29 -16.00
N GLU B 217 -8.17 13.64 -14.88
CA GLU B 217 -9.40 14.41 -14.89
C GLU B 217 -9.11 15.89 -14.73
N PHE B 218 -10.07 16.71 -15.13
CA PHE B 218 -9.92 18.16 -15.13
C PHE B 218 -11.07 18.81 -14.38
N ILE B 219 -10.75 19.82 -13.59
CA ILE B 219 -11.72 20.58 -12.81
C ILE B 219 -11.69 22.03 -13.28
N LYS B 220 -12.85 22.67 -13.29
CA LYS B 220 -12.95 24.04 -13.78
C LYS B 220 -12.12 24.99 -12.91
N VAL B 221 -11.39 25.87 -13.57
CA VAL B 221 -10.55 26.86 -12.90
C VAL B 221 -10.18 27.96 -13.88
N GLY B 222 -10.86 29.09 -13.80
CA GLY B 222 -10.58 30.22 -14.67
C GLY B 222 -10.86 29.93 -16.13
N LEU B 225 -10.54 23.54 -16.48
CA LEU B 225 -9.38 23.16 -17.28
C LEU B 225 -8.10 23.18 -16.46
N ILE B 226 -7.86 22.12 -15.70
CA ILE B 226 -6.65 21.94 -14.91
C ILE B 226 -6.65 20.53 -14.33
N ARG B 227 -5.49 19.88 -14.29
CA ARG B 227 -5.43 18.52 -13.78
C ARG B 227 -5.61 18.52 -12.27
N ALA B 228 -6.63 17.82 -11.79
CA ALA B 228 -6.91 17.80 -10.35
C ALA B 228 -7.69 16.54 -10.01
N ARG B 229 -7.75 16.26 -8.71
CA ARG B 229 -8.51 15.14 -8.16
C ARG B 229 -9.61 15.68 -7.25
N GLN B 230 -10.85 15.25 -7.50
CA GLN B 230 -12.03 15.83 -6.86
C GLN B 230 -12.43 14.97 -5.66
N TYR B 231 -12.21 15.50 -4.46
CA TYR B 231 -12.71 14.91 -3.23
C TYR B 231 -13.89 15.70 -2.71
N PRO B 232 -14.77 15.07 -1.91
CA PRO B 232 -15.89 15.82 -1.31
C PRO B 232 -15.46 16.86 -0.29
N TRP B 233 -14.16 16.94 0.05
CA TRP B 233 -13.65 17.93 0.98
C TRP B 233 -12.69 18.92 0.33
N GLY B 234 -12.35 18.73 -0.93
CA GLY B 234 -11.42 19.61 -1.60
C GLY B 234 -10.97 19.02 -2.91
N THR B 235 -10.18 19.81 -3.64
CA THR B 235 -9.62 19.41 -4.92
C THR B 235 -8.10 19.51 -4.86
N VAL B 236 -7.41 18.48 -5.30
CA VAL B 236 -5.95 18.41 -5.25
C VAL B 236 -5.42 18.75 -6.64
N GLN B 237 -4.88 19.97 -6.79
CA GLN B 237 -4.34 20.41 -8.06
C GLN B 237 -2.97 19.78 -8.30
N VAL B 238 -2.86 18.98 -9.36
CA VAL B 238 -1.61 18.30 -9.67
C VAL B 238 -0.50 19.29 -9.97
N GLU B 239 -0.82 20.39 -10.65
CA GLU B 239 0.18 21.38 -11.02
C GLU B 239 0.35 22.48 -9.96
N ASN B 240 -0.08 22.23 -8.73
CA ASN B 240 0.12 23.16 -7.63
C ASN B 240 1.30 22.67 -6.81
N GLU B 241 2.30 23.54 -6.63
CA GLU B 241 3.48 23.14 -5.87
C GLU B 241 3.17 22.93 -4.41
N THR B 242 2.24 23.70 -3.84
CA THR B 242 1.87 23.54 -2.44
C THR B 242 1.05 22.29 -2.20
N HIS B 243 0.55 21.64 -3.25
CA HIS B 243 -0.20 20.40 -3.13
C HIS B 243 0.68 19.17 -3.35
N CYS B 244 1.54 19.20 -4.36
CA CYS B 244 2.38 18.05 -4.67
C CYS B 244 3.61 18.51 -5.45
N ASP B 245 4.59 17.62 -5.55
CA ASP B 245 5.85 17.91 -6.22
C ASP B 245 5.83 17.55 -7.69
N PHE B 246 4.65 17.51 -8.31
CA PHE B 246 4.58 17.21 -9.73
C PHE B 246 5.25 18.30 -10.57
N VAL B 247 5.10 19.56 -10.16
CA VAL B 247 5.76 20.65 -10.86
C VAL B 247 7.27 20.44 -10.85
N LYS B 248 7.80 19.89 -9.77
CA LYS B 248 9.23 19.62 -9.69
C LYS B 248 9.59 18.35 -10.48
N LEU B 249 8.76 17.31 -10.38
CA LEU B 249 9.02 16.10 -11.16
C LEU B 249 9.02 16.40 -12.66
N ARG B 250 8.24 17.38 -13.09
CA ARG B 250 8.25 17.77 -14.50
C ARG B 250 9.57 18.39 -14.93
N GLU B 251 10.39 18.85 -13.97
CA GLU B 251 11.68 19.45 -14.32
C GLU B 251 12.66 18.43 -14.89
N MET B 252 12.46 17.15 -14.63
CA MET B 252 13.31 16.13 -15.23
C MET B 252 13.18 16.03 -16.74
N LEU B 253 12.18 16.70 -17.32
CA LEU B 253 11.90 16.59 -18.75
C LEU B 253 12.69 17.58 -19.59
N ILE B 254 13.42 18.49 -18.95
CA ILE B 254 14.20 19.44 -19.73
C ILE B 254 15.37 18.73 -20.40
N ARG B 255 15.91 19.39 -21.43
CA ARG B 255 16.93 18.77 -22.27
C ARG B 255 18.21 18.48 -21.50
N THR B 256 18.62 19.40 -20.63
CA THR B 256 19.86 19.20 -19.88
C THR B 256 19.75 18.06 -18.87
N ASN B 257 18.59 17.95 -18.20
CA ASN B 257 18.41 16.87 -17.24
C ASN B 257 18.32 15.52 -17.94
N MET B 258 17.62 15.45 -19.07
CA MET B 258 17.55 14.20 -19.82
C MET B 258 18.93 13.79 -20.33
N GLU B 259 19.71 14.76 -20.82
CA GLU B 259 21.05 14.46 -21.28
C GLU B 259 21.93 13.96 -20.13
N ASP B 260 21.73 14.48 -18.93
CA ASP B 260 22.51 14.02 -17.78
C ASP B 260 22.16 12.59 -17.40
N MET B 261 20.90 12.19 -17.58
CA MET B 261 20.52 10.81 -17.33
C MET B 261 21.19 9.86 -18.32
N ARG B 262 21.18 10.21 -19.60
CA ARG B 262 21.84 9.39 -20.60
C ARG B 262 23.35 9.40 -20.42
N GLU B 263 23.90 10.56 -20.03
CA GLU B 263 25.34 10.64 -19.76
C GLU B 263 25.74 9.69 -18.65
N LYS B 264 25.03 9.73 -17.52
CA LYS B 264 25.37 8.88 -16.39
C LYS B 264 25.10 7.41 -16.68
N THR B 265 24.07 7.13 -17.50
CA THR B 265 23.76 5.73 -17.80
C THR B 265 24.89 5.06 -18.58
N HIS B 266 25.53 5.79 -19.49
CA HIS B 266 26.62 5.25 -20.30
C HIS B 266 27.98 5.36 -19.62
N THR B 267 28.19 6.42 -18.81
CA THR B 267 29.50 6.63 -18.21
C THR B 267 29.72 5.73 -17.00
N ARG B 268 28.69 5.54 -16.18
CA ARG B 268 28.84 4.80 -14.92
C ARG B 268 28.20 3.42 -14.98
N HIS B 269 26.90 3.33 -15.29
CA HIS B 269 26.20 2.05 -15.19
C HIS B 269 26.60 1.09 -16.31
N TYR B 270 26.49 1.54 -17.56
CA TYR B 270 26.84 0.67 -18.67
C TYR B 270 28.33 0.34 -18.69
N GLU B 271 29.18 1.33 -18.42
CA GLU B 271 30.62 1.08 -18.40
C GLU B 271 30.99 0.09 -17.30
N LEU B 272 30.24 0.08 -16.20
CA LEU B 272 30.46 -0.93 -15.18
C LEU B 272 30.10 -2.31 -15.69
N TYR B 273 28.94 -2.44 -16.35
CA TYR B 273 28.57 -3.71 -16.94
C TYR B 273 29.51 -4.11 -18.07
N ARG B 274 30.05 -3.13 -18.80
CA ARG B 274 30.98 -3.44 -19.88
C ARG B 274 32.29 -3.99 -19.33
N GLN B 275 32.82 -3.38 -18.26
CA GLN B 275 34.05 -3.87 -17.67
C GLN B 275 33.85 -5.23 -17.02
N LYS B 276 32.64 -5.54 -16.57
CA LYS B 276 32.36 -6.87 -16.03
C LYS B 276 32.41 -7.92 -17.14
N ARG B 277 31.73 -7.66 -18.24
CA ARG B 277 31.69 -8.63 -19.33
C ARG B 277 33.05 -8.79 -19.99
N LEU B 278 33.82 -7.70 -20.11
CA LEU B 278 35.15 -7.78 -20.69
C LEU B 278 36.09 -8.64 -19.83
N GLU B 279 35.87 -8.65 -18.52
CA GLU B 279 36.61 -9.57 -17.67
C GLU B 279 36.17 -11.01 -17.91
N GLN B 280 34.86 -11.24 -17.98
CA GLN B 280 34.36 -12.59 -18.23
C GLN B 280 34.80 -13.09 -19.60
N MET B 281 34.77 -12.21 -20.61
CA MET B 281 35.21 -12.57 -21.95
C MET B 281 36.72 -12.75 -22.07
N GLY B 282 37.47 -12.45 -21.01
CA GLY B 282 38.91 -12.60 -21.03
C GLY B 282 39.59 -11.65 -22.01
PB GDP C . -0.49 0.80 10.85
O1B GDP C . -0.54 0.78 12.36
O2B GDP C . 0.65 -0.05 10.36
O3B GDP C . -1.78 0.24 10.29
O3A GDP C . -0.33 2.30 10.30
PA GDP C . -0.56 3.56 11.28
O1A GDP C . 0.59 3.69 12.24
O2A GDP C . -1.87 3.42 12.03
O5' GDP C . -0.60 4.80 10.27
C5' GDP C . 0.63 5.45 9.97
C4' GDP C . 0.35 6.79 9.30
O4' GDP C . -0.82 6.66 8.49
C3' GDP C . 0.06 7.85 10.35
O3' GDP C . 1.08 8.85 10.33
C2' GDP C . -1.26 8.46 9.96
O2' GDP C . -1.12 9.88 9.86
C1' GDP C . -1.60 7.86 8.60
N9 GDP C . -3.05 7.58 8.57
C8 GDP C . -3.77 6.96 9.52
N7 GDP C . -5.08 6.88 9.15
C5 GDP C . -5.20 7.45 7.94
C6 GDP C . -6.29 7.71 6.97
O6 GDP C . -7.47 7.36 7.22
N1 GDP C . -5.98 8.34 5.83
C2 GDP C . -4.73 8.73 5.54
N2 GDP C . -4.50 9.36 4.36
N3 GDP C . -3.68 8.53 6.38
C4 GDP C . -3.86 7.91 7.56
PG GTP D . -0.90 -1.24 -13.14
O1G GTP D . 0.09 -0.99 -14.25
O2G GTP D . -0.72 -2.64 -12.61
O3G GTP D . -2.31 -1.07 -13.67
O3B GTP D . -0.65 -0.17 -11.96
PB GTP D . -0.71 1.41 -12.25
O1B GTP D . -0.51 1.66 -13.72
O2B GTP D . 0.32 2.13 -11.41
O3A GTP D . -2.19 1.88 -11.82
PA GTP D . -2.92 3.03 -12.70
O1A GTP D . -3.24 2.47 -14.06
O2A GTP D . -2.06 4.26 -12.82
O5' GTP D . -4.28 3.36 -11.91
C5' GTP D . -4.22 4.00 -10.66
C4' GTP D . -5.61 4.28 -10.11
O4' GTP D . -5.47 4.90 -8.85
C3' GTP D . -6.36 5.23 -11.03
O3' GTP D . -7.48 4.59 -11.58
C2' GTP D . -6.81 6.37 -10.13
O2' GTP D . -8.19 6.25 -9.89
C1' GTP D . -6.05 6.20 -8.84
N9 GTP D . -4.96 7.19 -8.73
C8 GTP D . -4.09 7.53 -9.74
N7 GTP D . -3.23 8.46 -9.27
C5 GTP D . -3.52 8.71 -7.98
C6 GTP D . -2.96 9.57 -7.04
O6 GTP D . -2.00 10.27 -7.33
N1 GTP D . -3.49 9.61 -5.76
C2 GTP D . -4.57 8.82 -5.43
N2 GTP D . -5.07 8.87 -4.20
N3 GTP D . -5.12 7.97 -6.37
C4 GTP D . -4.61 7.92 -7.62
MG MG E . -0.83 1.00 -15.78
#